data_4GLJ
#
_entry.id   4GLJ
#
_cell.length_a   80.260
_cell.length_b   80.260
_cell.length_c   81.260
_cell.angle_alpha   90.00
_cell.angle_beta   90.00
_cell.angle_gamma   120.00
#
_symmetry.space_group_name_H-M   'P 63'
#
loop_
_entity.id
_entity.type
_entity.pdbx_description
1 polymer RsfP
2 non-polymer N-[9-(2-carboxyphenyl)-6-(diethylamino)-3H-xanthen-3-ylidene]-N-ethylethanaminium
3 non-polymer 'PHOSPHATE ION'
4 non-polymer 'CHLORIDE ION'
5 water water
#
_entity_poly.entity_id   1
_entity_poly.type   'polypeptide(L)'
_entity_poly.pdbx_seq_one_letter_code
;MTSTAVEITVKNAADIAIIGGSGLYQMQALTNKRSVKIETPYGEPSDDIVLGELNGVTVAFLTRHGQGHRLTPSEVPYRA
NIYALKTLGVRYIVSVSAVGSLQETLKPLDMVIPDQMIDMTKQRVSTFFGDGAVAHVSMADPLCPEVADILIRAYDNADI
ADGQCHAKATYVCIEGPQFSTRAESHWYRQMQADIIGMTNMPEAKLAREASIAYATLALVTDFDCWHPNEQAVSADYAIQ
NLMKNADNAQQVIKQAVALIASEQPKSIAHTALTQALVTPVEAMSAETKTRLAALLP
;
_entity_poly.pdbx_strand_id   A
#
# COMPACT_ATOMS: atom_id res chain seq x y z
N LYS A 11 22.74 11.68 1.91
CA LYS A 11 22.82 11.09 0.54
C LYS A 11 21.77 9.98 0.37
N ASN A 12 20.91 9.81 1.38
CA ASN A 12 19.95 8.68 1.44
C ASN A 12 18.72 8.88 0.53
N ALA A 13 18.63 8.08 -0.52
CA ALA A 13 17.71 8.32 -1.62
C ALA A 13 17.27 6.92 -2.06
N ALA A 14 16.04 6.79 -2.52
CA ALA A 14 15.57 5.55 -3.07
C ALA A 14 14.49 5.91 -4.04
N ASP A 15 14.44 5.18 -5.12
CA ASP A 15 13.47 5.49 -6.15
C ASP A 15 12.22 4.66 -5.89
N ILE A 16 12.38 3.59 -5.11
CA ILE A 16 11.38 2.54 -4.97
C ILE A 16 11.21 2.22 -3.49
N ALA A 17 9.95 2.09 -3.03
CA ALA A 17 9.65 1.75 -1.65
C ALA A 17 8.69 0.62 -1.55
N ILE A 18 8.89 -0.21 -0.54
CA ILE A 18 7.96 -1.26 -0.26
C ILE A 18 7.33 -0.91 1.12
N ILE A 19 5.99 -0.94 1.18
CA ILE A 19 5.28 -0.69 2.44
C ILE A 19 4.74 -2.04 2.80
N GLY A 20 5.31 -2.60 3.88
CA GLY A 20 4.99 -3.94 4.27
C GLY A 20 3.85 -4.04 5.30
N GLY A 21 2.83 -4.87 4.99
CA GLY A 21 1.61 -5.13 5.78
C GLY A 21 1.77 -6.20 6.82
N SER A 22 0.65 -6.78 7.22
CA SER A 22 0.67 -7.82 8.23
C SER A 22 1.56 -8.99 7.77
N GLY A 23 2.46 -9.46 8.66
CA GLY A 23 3.35 -10.57 8.35
C GLY A 23 4.67 -10.12 7.72
N LEU A 24 4.76 -8.88 7.23
CA LEU A 24 6.03 -8.28 6.72
C LEU A 24 6.69 -7.18 7.60
N TYR A 25 7.58 -7.61 8.47
CA TYR A 25 8.22 -6.74 9.48
C TYR A 25 9.65 -6.45 9.05
N GLN A 26 10.19 -7.28 8.18
CA GLN A 26 11.44 -6.96 7.51
C GLN A 26 11.60 -7.48 6.08
N MET A 27 12.56 -6.88 5.37
CA MET A 27 13.07 -7.43 4.14
C MET A 27 14.48 -8.01 4.35
N GLN A 28 14.53 -9.25 4.83
CA GLN A 28 15.79 -10.04 5.00
C GLN A 28 16.85 -9.95 3.88
N ALA A 29 16.44 -10.02 2.61
CA ALA A 29 17.42 -10.10 1.52
C ALA A 29 18.20 -8.79 1.20
N LEU A 30 17.75 -7.63 1.66
CA LEU A 30 18.50 -6.40 1.34
C LEU A 30 19.91 -6.43 1.91
N THR A 31 20.87 -5.96 1.14
CA THR A 31 22.24 -5.78 1.61
C THR A 31 22.53 -4.35 2.05
N ASN A 32 23.58 -4.21 2.89
CA ASN A 32 23.98 -2.95 3.52
C ASN A 32 22.77 -2.23 4.09
N LYS A 33 21.92 -2.98 4.81
CA LYS A 33 20.77 -2.43 5.51
C LYS A 33 21.24 -1.28 6.40
N ARG A 34 20.44 -0.23 6.44
CA ARG A 34 20.69 0.90 7.36
C ARG A 34 19.35 1.57 7.61
N SER A 35 19.13 2.04 8.83
CA SER A 35 17.84 2.62 9.19
C SER A 35 17.92 4.13 9.20
N VAL A 36 16.85 4.80 8.75
CA VAL A 36 16.86 6.25 8.84
C VAL A 36 15.59 6.69 9.59
N LYS A 37 15.77 7.59 10.54
CA LYS A 37 14.65 8.20 11.25
C LYS A 37 14.40 9.50 10.50
N ILE A 38 13.20 9.66 9.98
CA ILE A 38 12.87 10.84 9.20
C ILE A 38 11.84 11.64 10.03
N GLU A 39 12.07 12.93 10.26
CA GLU A 39 11.07 13.79 10.88
C GLU A 39 10.16 14.30 9.78
N THR A 40 8.85 14.39 10.03
CA THR A 40 8.00 15.00 9.02
C THR A 40 7.11 16.03 9.71
N PRO A 41 6.49 16.92 8.91
CA PRO A 41 5.51 17.84 9.48
C PRO A 41 4.28 17.12 10.06
N TYR A 42 4.15 15.82 9.84
CA TYR A 42 2.99 15.02 10.31
C TYR A 42 3.41 14.07 11.43
N GLY A 43 4.57 14.31 12.00
CA GLY A 43 5.08 13.50 13.08
C GLY A 43 5.87 12.35 12.50
N GLU A 44 6.03 11.30 13.31
CA GLU A 44 6.92 10.22 12.95
C GLU A 44 6.23 9.17 12.10
N PRO A 45 6.97 8.60 11.12
CA PRO A 45 6.46 7.43 10.40
C PRO A 45 6.27 6.26 11.35
N SER A 46 5.65 5.18 10.85
CA SER A 46 5.32 4.02 11.66
C SER A 46 6.56 3.42 12.33
N ASP A 47 7.71 3.46 11.66
CA ASP A 47 8.96 2.92 12.22
C ASP A 47 10.08 3.60 11.43
N ASP A 48 11.33 3.44 11.86
CA ASP A 48 12.48 3.86 11.05
C ASP A 48 12.38 3.18 9.68
N ILE A 49 12.59 3.93 8.62
CA ILE A 49 12.63 3.36 7.30
C ILE A 49 13.97 2.63 7.08
N VAL A 50 13.88 1.37 6.64
CA VAL A 50 15.09 0.59 6.30
C VAL A 50 15.47 0.78 4.81
N LEU A 51 16.71 1.14 4.56
CA LEU A 51 17.27 1.24 3.20
C LEU A 51 18.27 0.12 2.98
N GLY A 52 18.19 -0.48 1.81
CA GLY A 52 19.12 -1.54 1.48
C GLY A 52 19.07 -1.72 -0.01
N GLU A 53 19.96 -2.58 -0.52
CA GLU A 53 20.04 -2.88 -1.95
C GLU A 53 19.60 -4.30 -2.21
N LEU A 54 18.75 -4.43 -3.23
CA LEU A 54 18.34 -5.72 -3.78
C LEU A 54 19.02 -5.68 -5.13
N ASN A 55 20.04 -6.56 -5.33
CA ASN A 55 20.88 -6.49 -6.53
C ASN A 55 21.38 -5.09 -6.89
N GLY A 56 21.93 -4.37 -5.94
CA GLY A 56 22.42 -3.04 -6.24
C GLY A 56 21.38 -1.96 -6.45
N VAL A 57 20.10 -2.34 -6.49
CA VAL A 57 19.02 -1.35 -6.55
C VAL A 57 18.64 -0.95 -5.10
N THR A 58 18.71 0.33 -4.78
CA THR A 58 18.34 0.82 -3.45
C THR A 58 16.82 0.83 -3.30
N VAL A 59 16.32 0.21 -2.23
CA VAL A 59 14.87 0.15 -1.97
C VAL A 59 14.66 0.67 -0.54
N ALA A 60 13.57 1.41 -0.29
CA ALA A 60 13.16 1.79 1.08
C ALA A 60 12.05 0.82 1.55
N PHE A 61 12.17 0.30 2.77
CA PHE A 61 11.20 -0.66 3.30
C PHE A 61 10.59 0.01 4.55
N LEU A 62 9.27 0.11 4.58
CA LEU A 62 8.56 0.74 5.73
C LEU A 62 7.55 -0.31 6.24
N THR A 63 7.63 -0.70 7.51
CA THR A 63 6.64 -1.64 8.11
C THR A 63 5.49 -0.83 8.50
N ARG A 64 4.35 -0.99 7.81
CA ARG A 64 3.20 -0.17 8.07
C ARG A 64 2.72 -0.15 9.58
N HIS A 65 2.72 -1.33 10.20
CA HIS A 65 2.19 -1.46 11.59
C HIS A 65 3.20 -1.22 12.66
N GLY A 66 4.41 -0.83 12.27
CA GLY A 66 5.57 -0.65 13.16
C GLY A 66 6.20 -1.95 13.61
N GLN A 67 7.33 -1.85 14.30
CA GLN A 67 7.91 -3.04 14.89
C GLN A 67 7.01 -3.69 15.93
N GLY A 68 6.93 -5.01 15.84
CA GLY A 68 6.12 -5.75 16.75
C GLY A 68 4.67 -5.68 16.41
N HIS A 69 4.34 -5.18 15.21
CA HIS A 69 2.95 -4.95 14.85
C HIS A 69 2.26 -4.16 15.95
N ARG A 70 2.77 -2.97 16.25
CA ARG A 70 2.16 -2.21 17.35
C ARG A 70 0.94 -1.34 17.06
N LEU A 71 0.67 -1.01 15.78
CA LEU A 71 -0.43 -0.10 15.38
C LEU A 71 -1.59 -0.82 14.75
N THR A 72 -2.77 -0.34 15.08
CA THR A 72 -3.98 -0.76 14.40
C THR A 72 -4.08 0.10 13.09
N PRO A 73 -4.84 -0.41 12.11
CA PRO A 73 -5.03 0.32 10.83
C PRO A 73 -5.48 1.73 11.03
N SER A 74 -6.42 2.04 11.96
CA SER A 74 -6.95 3.38 12.13
C SER A 74 -5.87 4.34 12.63
N GLU A 75 -4.82 3.88 13.32
CA GLU A 75 -3.95 4.86 13.92
C GLU A 75 -2.58 4.91 13.16
N VAL A 76 -2.47 4.20 12.06
CA VAL A 76 -1.21 4.26 11.30
C VAL A 76 -0.96 5.73 10.88
N PRO A 77 0.27 6.25 11.01
CA PRO A 77 0.43 7.63 10.60
C PRO A 77 0.63 7.69 9.06
N TYR A 78 -0.48 7.59 8.32
CA TYR A 78 -0.35 7.51 6.84
C TYR A 78 0.32 8.73 6.24
N ARG A 79 0.00 9.95 6.66
CA ARG A 79 0.61 11.15 6.12
C ARG A 79 2.11 11.26 6.38
N ALA A 80 2.57 11.02 7.61
CA ALA A 80 4.03 10.85 7.88
C ALA A 80 4.74 9.82 7.05
N ASN A 81 4.15 8.65 6.87
CA ASN A 81 4.80 7.57 6.11
C ASN A 81 5.03 7.98 4.64
N ILE A 82 4.00 8.57 4.04
CA ILE A 82 4.06 8.90 2.60
C ILE A 82 4.95 10.10 2.51
N TYR A 83 4.84 11.07 3.45
CA TYR A 83 5.68 12.25 3.36
C TYR A 83 7.18 11.83 3.47
N ALA A 84 7.47 10.97 4.43
CA ALA A 84 8.87 10.49 4.62
C ALA A 84 9.43 9.81 3.34
N LEU A 85 8.61 9.04 2.64
CA LEU A 85 9.08 8.29 1.47
C LEU A 85 9.28 9.32 0.35
N LYS A 86 8.35 10.28 0.24
CA LYS A 86 8.62 11.44 -0.63
C LYS A 86 9.96 12.13 -0.39
N THR A 87 10.35 12.38 0.85
CA THR A 87 11.61 13.03 1.11
C THR A 87 12.81 12.18 0.65
N LEU A 88 12.62 10.88 0.47
CA LEU A 88 13.75 10.02 0.02
C LEU A 88 13.83 10.03 -1.51
N GLY A 89 12.84 10.63 -2.17
CA GLY A 89 12.78 10.68 -3.63
C GLY A 89 12.08 9.49 -4.26
N VAL A 90 11.28 8.78 -3.47
CA VAL A 90 10.61 7.58 -3.97
C VAL A 90 9.62 8.01 -5.05
N ARG A 91 9.66 7.30 -6.15
CA ARG A 91 8.82 7.55 -7.30
CA ARG A 91 8.75 7.57 -7.24
C ARG A 91 7.83 6.39 -7.45
N TYR A 92 8.18 5.25 -6.84
CA TYR A 92 7.32 4.05 -6.96
C TYR A 92 7.14 3.41 -5.62
N ILE A 93 5.86 3.12 -5.26
CA ILE A 93 5.55 2.34 -4.02
C ILE A 93 4.80 1.06 -4.39
N VAL A 94 5.25 -0.05 -3.81
CA VAL A 94 4.47 -1.26 -3.79
C VAL A 94 4.01 -1.48 -2.35
N SER A 95 2.72 -1.52 -2.17
CA SER A 95 2.10 -1.77 -0.85
C SER A 95 1.79 -3.28 -0.83
N VAL A 96 2.19 -3.94 0.21
CA VAL A 96 2.00 -5.34 0.31
C VAL A 96 1.09 -5.57 1.48
N SER A 97 -0.14 -6.03 1.20
CA SER A 97 -1.19 -6.03 2.22
C SER A 97 -1.98 -7.34 2.33
N ALA A 98 -2.31 -7.71 3.58
CA ALA A 98 -3.08 -8.93 3.83
C ALA A 98 -4.54 -8.52 3.58
N VAL A 99 -5.28 -9.38 2.88
CA VAL A 99 -6.69 -9.08 2.62
C VAL A 99 -7.56 -10.31 2.84
N GLY A 100 -8.84 -10.03 3.03
CA GLY A 100 -9.83 -11.08 3.02
C GLY A 100 -10.44 -11.20 1.65
N SER A 101 -10.85 -12.39 1.28
CA SER A 101 -11.50 -12.56 -0.03
C SER A 101 -13.01 -12.43 0.08
N LEU A 102 -13.61 -11.73 -0.87
CA LEU A 102 -15.08 -11.70 -0.99
C LEU A 102 -15.59 -12.54 -2.15
N GLN A 103 -14.74 -13.36 -2.78
CA GLN A 103 -15.13 -14.05 -4.00
C GLN A 103 -14.60 -15.48 -3.91
N GLU A 104 -15.47 -16.43 -4.25
CA GLU A 104 -15.10 -17.87 -4.27
C GLU A 104 -13.78 -18.23 -4.96
N THR A 105 -13.54 -17.58 -6.09
CA THR A 105 -12.36 -17.91 -6.86
C THR A 105 -11.08 -17.26 -6.34
N LEU A 106 -11.18 -16.31 -5.40
CA LEU A 106 -9.95 -15.78 -4.74
C LEU A 106 -9.74 -16.52 -3.42
N LYS A 107 -8.78 -17.46 -3.43
CA LYS A 107 -8.56 -18.38 -2.29
C LYS A 107 -7.38 -17.98 -1.39
N PRO A 108 -7.40 -18.42 -0.11
CA PRO A 108 -6.22 -18.20 0.76
C PRO A 108 -4.92 -18.66 0.11
N LEU A 109 -3.88 -17.85 0.27
CA LEU A 109 -2.58 -17.98 -0.39
C LEU A 109 -2.55 -17.51 -1.86
N ASP A 110 -3.69 -17.16 -2.43
CA ASP A 110 -3.63 -16.47 -3.71
C ASP A 110 -3.13 -15.06 -3.45
N MET A 111 -2.60 -14.45 -4.52
CA MET A 111 -2.41 -12.99 -4.54
C MET A 111 -3.32 -12.34 -5.53
N VAL A 112 -3.56 -11.05 -5.29
CA VAL A 112 -4.49 -10.28 -6.03
C VAL A 112 -3.81 -8.93 -6.27
N ILE A 113 -3.87 -8.49 -7.52
CA ILE A 113 -3.34 -7.14 -7.85
C ILE A 113 -4.56 -6.28 -8.26
N PRO A 114 -5.11 -5.57 -7.32
CA PRO A 114 -6.38 -4.85 -7.66
C PRO A 114 -6.12 -3.68 -8.60
N ASP A 115 -7.14 -3.29 -9.36
CA ASP A 115 -6.98 -2.12 -10.15
C ASP A 115 -7.92 -1.03 -9.60
N GLN A 116 -8.84 -1.38 -8.66
CA GLN A 116 -9.75 -0.34 -8.20
C GLN A 116 -9.81 -0.44 -6.70
N MET A 117 -10.42 0.58 -6.08
CA MET A 117 -10.48 0.65 -4.61
CA MET A 117 -10.48 0.61 -4.63
C MET A 117 -11.74 1.40 -4.26
N ILE A 118 -12.31 1.08 -3.09
CA ILE A 118 -13.46 1.88 -2.61
C ILE A 118 -13.08 2.24 -1.16
N ASP A 119 -13.09 3.54 -0.83
CA ASP A 119 -12.68 3.99 0.49
C ASP A 119 -13.87 4.06 1.41
N MET A 120 -14.04 3.03 2.25
N MET A 120 -14.02 3.07 2.28
CA MET A 120 -15.07 3.05 3.31
CA MET A 120 -15.08 3.16 3.29
C MET A 120 -14.55 3.48 4.68
C MET A 120 -14.52 3.37 4.69
N THR A 121 -13.30 3.89 4.78
CA THR A 121 -12.74 4.32 6.07
C THR A 121 -13.45 5.58 6.52
N LYS A 122 -13.40 5.86 7.82
CA LYS A 122 -14.25 6.88 8.44
C LYS A 122 -13.47 7.97 9.10
N GLN A 123 -12.40 7.55 9.78
CA GLN A 123 -11.77 8.43 10.75
C GLN A 123 -10.31 8.77 10.47
N ARG A 124 -9.89 8.71 9.24
CA ARG A 124 -8.51 8.92 8.91
C ARG A 124 -8.31 10.20 8.18
N VAL A 125 -7.22 10.92 8.43
CA VAL A 125 -7.02 12.13 7.70
C VAL A 125 -6.60 11.65 6.30
N SER A 126 -7.30 12.10 5.25
CA SER A 126 -7.08 11.40 3.96
C SER A 126 -6.53 12.36 2.86
N THR A 127 -5.94 13.46 3.29
CA THR A 127 -5.32 14.45 2.38
C THR A 127 -4.26 15.21 3.14
N PHE A 128 -3.33 15.76 2.38
CA PHE A 128 -2.35 16.64 2.93
C PHE A 128 -2.86 18.05 2.82
N PHE A 129 -3.99 18.22 2.11
CA PHE A 129 -4.49 19.56 1.85
C PHE A 129 -5.47 20.10 2.87
N GLY A 130 -5.88 21.35 2.72
CA GLY A 130 -6.67 21.99 3.76
C GLY A 130 -5.73 22.95 4.48
N ASP A 131 -6.31 23.74 5.41
CA ASP A 131 -5.56 24.67 6.22
C ASP A 131 -4.56 25.51 5.43
N GLY A 132 -5.00 26.15 4.33
CA GLY A 132 -4.06 27.00 3.58
C GLY A 132 -3.78 26.63 2.10
N ALA A 133 -4.14 25.43 1.68
CA ALA A 133 -3.87 24.96 0.31
C ALA A 133 -5.00 24.04 -0.11
N VAL A 134 -5.51 24.22 -1.33
CA VAL A 134 -6.62 23.40 -1.86
C VAL A 134 -6.08 22.69 -3.11
N ALA A 135 -6.34 21.38 -3.20
CA ALA A 135 -5.96 20.57 -4.37
C ALA A 135 -6.96 19.44 -4.46
N HIS A 136 -7.28 19.04 -5.68
CA HIS A 136 -8.24 17.93 -5.90
C HIS A 136 -7.66 16.92 -6.88
N VAL A 137 -6.85 15.98 -6.44
CA VAL A 137 -6.25 15.00 -7.42
C VAL A 137 -7.35 14.01 -7.88
N SER A 138 -7.25 13.52 -9.08
CA SER A 138 -8.16 12.46 -9.52
C SER A 138 -7.68 11.10 -9.01
N MET A 139 -8.59 10.31 -8.45
CA MET A 139 -8.27 8.95 -8.03
C MET A 139 -9.00 7.99 -8.94
N ALA A 140 -9.37 8.42 -10.15
CA ALA A 140 -10.18 7.58 -11.08
C ALA A 140 -9.53 6.19 -11.23
N ASP A 141 -8.21 6.21 -11.48
CA ASP A 141 -7.44 4.97 -11.50
C ASP A 141 -6.51 4.98 -10.25
N PRO A 142 -6.97 4.34 -9.14
CA PRO A 142 -6.25 4.73 -7.95
C PRO A 142 -4.93 3.95 -7.70
N LEU A 143 -4.68 2.90 -8.51
CA LEU A 143 -3.54 1.98 -8.39
C LEU A 143 -2.89 1.98 -9.76
N CYS A 144 -1.64 2.41 -9.84
CA CYS A 144 -0.95 2.72 -11.11
CA CYS A 144 -1.04 2.72 -11.11
C CYS A 144 -0.90 1.48 -11.95
N PRO A 145 -1.52 1.50 -13.13
CA PRO A 145 -1.54 0.26 -13.96
C PRO A 145 -0.14 -0.19 -14.45
N GLU A 146 0.80 0.75 -14.62
CA GLU A 146 2.17 0.39 -15.04
C GLU A 146 2.84 -0.45 -13.93
N VAL A 147 2.64 -0.07 -12.66
CA VAL A 147 3.16 -0.84 -11.49
C VAL A 147 2.38 -2.12 -11.31
N ALA A 148 1.04 -2.07 -11.44
CA ALA A 148 0.24 -3.29 -11.39
C ALA A 148 0.65 -4.27 -12.48
N ASP A 149 0.86 -3.80 -13.72
CA ASP A 149 1.33 -4.74 -14.74
C ASP A 149 2.69 -5.38 -14.37
N ILE A 150 3.61 -4.56 -13.82
CA ILE A 150 4.91 -5.10 -13.32
C ILE A 150 4.66 -6.17 -12.24
N LEU A 151 3.70 -5.91 -11.31
CA LEU A 151 3.44 -6.90 -10.30
C LEU A 151 2.98 -8.25 -10.82
N ILE A 152 2.12 -8.24 -11.84
CA ILE A 152 1.65 -9.42 -12.49
C ILE A 152 2.83 -10.18 -13.10
N ARG A 153 3.73 -9.50 -13.81
CA ARG A 153 4.83 -10.23 -14.47
C ARG A 153 5.85 -10.66 -13.38
N ALA A 154 5.98 -9.85 -12.33
CA ALA A 154 6.90 -10.17 -11.17
C ALA A 154 6.41 -11.49 -10.52
N TYR A 155 5.09 -11.62 -10.36
CA TYR A 155 4.51 -12.82 -9.73
C TYR A 155 4.89 -14.02 -10.57
N ASP A 156 4.73 -13.89 -11.90
CA ASP A 156 5.00 -15.02 -12.75
C ASP A 156 6.47 -15.33 -12.69
N ASN A 157 7.30 -14.30 -12.64
CA ASN A 157 8.78 -14.45 -12.60
C ASN A 157 9.28 -15.10 -11.31
N ALA A 158 8.49 -15.01 -10.26
CA ALA A 158 8.89 -15.50 -8.94
C ALA A 158 8.65 -17.01 -8.84
N ASP A 159 7.87 -17.56 -9.78
CA ASP A 159 7.53 -19.01 -9.77
C ASP A 159 7.02 -19.53 -8.40
N ILE A 160 5.96 -18.93 -7.91
CA ILE A 160 5.35 -19.26 -6.60
C ILE A 160 4.68 -20.65 -6.69
N ALA A 161 4.89 -21.50 -5.69
CA ALA A 161 4.40 -22.89 -5.71
C ALA A 161 2.91 -22.97 -5.33
N ASP A 162 2.50 -22.18 -4.35
CA ASP A 162 1.16 -22.26 -3.86
C ASP A 162 0.31 -21.12 -4.47
N GLY A 163 -0.94 -21.39 -4.87
CA GLY A 163 -1.90 -20.32 -5.26
C GLY A 163 -1.80 -19.84 -6.69
N GLN A 164 -2.59 -18.82 -7.02
CA GLN A 164 -2.42 -18.13 -8.28
C GLN A 164 -2.54 -16.65 -8.02
N CYS A 165 -2.31 -15.81 -9.03
CA CYS A 165 -2.40 -14.38 -8.88
C CYS A 165 -3.54 -13.89 -9.80
N HIS A 166 -4.39 -13.02 -9.30
CA HIS A 166 -5.50 -12.47 -10.02
C HIS A 166 -5.31 -11.00 -10.21
N ALA A 167 -5.54 -10.47 -11.41
CA ALA A 167 -5.45 -9.00 -11.56
C ALA A 167 -6.84 -8.43 -11.75
N LYS A 168 -6.98 -7.11 -11.81
CA LYS A 168 -8.24 -6.43 -12.14
C LYS A 168 -9.39 -6.69 -11.12
N ALA A 169 -9.08 -6.47 -9.88
CA ALA A 169 -10.02 -6.64 -8.74
C ALA A 169 -10.24 -5.30 -8.03
N THR A 170 -11.35 -5.23 -7.28
CA THR A 170 -11.66 -4.04 -6.48
C THR A 170 -11.43 -4.30 -4.99
N TYR A 171 -10.59 -3.46 -4.33
CA TYR A 171 -10.24 -3.56 -2.90
C TYR A 171 -11.15 -2.62 -2.15
N VAL A 172 -11.92 -3.14 -1.18
CA VAL A 172 -12.72 -2.21 -0.37
C VAL A 172 -11.93 -2.05 0.94
N CYS A 173 -11.74 -0.79 1.39
CA CYS A 173 -10.97 -0.52 2.58
C CYS A 173 -11.96 -0.10 3.65
N ILE A 174 -11.91 -0.78 4.80
CA ILE A 174 -12.81 -0.45 5.89
C ILE A 174 -11.98 0.08 7.03
N GLU A 175 -12.67 0.70 7.98
CA GLU A 175 -12.02 1.37 9.10
C GLU A 175 -11.35 0.34 10.04
N GLY A 176 -12.05 -0.75 10.37
CA GLY A 176 -11.48 -1.74 11.31
C GLY A 176 -11.73 -1.18 12.71
N PRO A 177 -11.14 -1.78 13.76
CA PRO A 177 -10.30 -2.96 13.63
C PRO A 177 -11.09 -4.27 13.53
N GLN A 178 -12.41 -4.28 13.77
CA GLN A 178 -13.11 -5.59 13.82
C GLN A 178 -13.31 -6.10 12.44
N PHE A 179 -13.37 -7.42 12.27
CA PHE A 179 -13.75 -7.94 10.95
C PHE A 179 -15.22 -7.73 10.70
N SER A 180 -15.62 -7.78 9.45
CA SER A 180 -16.93 -7.35 8.96
C SER A 180 -18.01 -8.25 9.46
N THR A 181 -19.21 -7.69 9.65
CA THR A 181 -20.37 -8.57 9.89
C THR A 181 -20.70 -9.31 8.57
N ARG A 182 -21.51 -10.38 8.63
CA ARG A 182 -21.91 -11.07 7.39
C ARG A 182 -22.69 -10.17 6.52
N ALA A 183 -23.58 -9.34 7.08
CA ALA A 183 -24.36 -8.41 6.26
C ALA A 183 -23.48 -7.36 5.57
N GLU A 184 -22.43 -6.93 6.22
CA GLU A 184 -21.49 -6.01 5.58
C GLU A 184 -20.77 -6.71 4.46
N SER A 185 -20.29 -7.94 4.71
CA SER A 185 -19.64 -8.72 3.65
C SER A 185 -20.51 -8.92 2.45
N HIS A 186 -21.79 -9.26 2.67
CA HIS A 186 -22.79 -9.38 1.60
CA HIS A 186 -22.72 -9.40 1.55
C HIS A 186 -22.93 -8.08 0.85
N TRP A 187 -23.01 -6.98 1.60
CA TRP A 187 -23.14 -5.65 0.96
C TRP A 187 -21.89 -5.31 0.08
N TYR A 188 -20.69 -5.60 0.57
CA TYR A 188 -19.46 -5.33 -0.22
C TYR A 188 -19.43 -6.16 -1.48
N ARG A 189 -19.88 -7.42 -1.39
CA ARG A 189 -20.13 -8.25 -2.58
C ARG A 189 -21.11 -7.61 -3.58
N GLN A 190 -22.21 -7.02 -3.08
CA GLN A 190 -23.21 -6.43 -3.97
C GLN A 190 -22.60 -5.16 -4.65
N MET A 191 -21.62 -4.55 -4.00
CA MET A 191 -20.95 -3.35 -4.57
C MET A 191 -19.86 -3.80 -5.55
N GLN A 192 -19.74 -5.10 -5.78
CA GLN A 192 -18.72 -5.70 -6.71
C GLN A 192 -17.29 -5.57 -6.18
N ALA A 193 -17.08 -5.50 -4.89
CA ALA A 193 -15.76 -5.54 -4.38
C ALA A 193 -15.30 -7.02 -4.34
N ASP A 194 -13.98 -7.27 -4.39
CA ASP A 194 -13.43 -8.62 -4.52
C ASP A 194 -12.60 -9.04 -3.30
N ILE A 195 -11.95 -8.07 -2.69
CA ILE A 195 -11.10 -8.25 -1.52
C ILE A 195 -11.34 -7.06 -0.56
N ILE A 196 -11.05 -7.29 0.71
CA ILE A 196 -11.24 -6.39 1.79
C ILE A 196 -10.01 -6.23 2.62
N GLY A 197 -9.63 -4.99 2.88
CA GLY A 197 -8.49 -4.75 3.75
C GLY A 197 -8.77 -3.49 4.60
N MET A 198 -7.81 -3.05 5.42
CA MET A 198 -8.06 -1.92 6.36
C MET A 198 -7.07 -0.80 6.18
N THR A 199 -6.11 -0.98 5.25
CA THR A 199 -4.96 -0.03 5.30
C THR A 199 -4.64 0.78 4.01
N ASN A 200 -5.09 0.32 2.83
CA ASN A 200 -4.60 0.95 1.61
C ASN A 200 -5.29 2.28 1.29
N MET A 201 -6.32 2.63 2.07
CA MET A 201 -6.83 4.01 2.14
C MET A 201 -6.61 4.50 3.56
N PRO A 202 -6.04 5.70 3.75
CA PRO A 202 -5.87 6.75 2.73
C PRO A 202 -4.51 6.68 2.02
N GLU A 203 -3.74 5.61 2.27
CA GLU A 203 -2.35 5.48 1.72
C GLU A 203 -2.33 5.72 0.21
N ALA A 204 -3.30 5.15 -0.53
CA ALA A 204 -3.31 5.37 -2.01
C ALA A 204 -3.58 6.84 -2.40
N LYS A 205 -4.52 7.49 -1.68
CA LYS A 205 -4.83 8.92 -1.91
C LYS A 205 -3.58 9.81 -1.65
N LEU A 206 -2.96 9.60 -0.52
CA LEU A 206 -1.80 10.38 -0.10
C LEU A 206 -0.61 10.19 -1.08
N ALA A 207 -0.40 8.96 -1.51
CA ALA A 207 0.68 8.65 -2.48
C ALA A 207 0.37 9.44 -3.77
N ARG A 208 -0.91 9.46 -4.18
CA ARG A 208 -1.26 10.20 -5.40
C ARG A 208 -1.00 11.70 -5.23
N GLU A 209 -1.39 12.26 -4.08
CA GLU A 209 -1.14 13.68 -3.82
C GLU A 209 0.34 14.00 -3.77
N ALA A 210 1.12 13.01 -3.35
CA ALA A 210 2.56 13.15 -3.29
C ALA A 210 3.24 12.86 -4.62
N SER A 211 2.44 12.71 -5.68
CA SER A 211 2.94 12.39 -7.04
C SER A 211 3.81 11.11 -7.08
N ILE A 212 3.45 10.08 -6.31
CA ILE A 212 4.19 8.81 -6.28
C ILE A 212 3.31 7.70 -6.84
N ALA A 213 3.84 6.90 -7.75
CA ALA A 213 3.10 5.84 -8.36
C ALA A 213 2.94 4.77 -7.32
N TYR A 214 1.74 4.21 -7.20
CA TYR A 214 1.42 3.39 -6.05
C TYR A 214 0.54 2.30 -6.56
N ALA A 215 0.92 1.05 -6.23
CA ALA A 215 0.04 -0.10 -6.51
C ALA A 215 0.13 -1.14 -5.38
N THR A 216 -0.77 -2.11 -5.40
CA THR A 216 -0.93 -2.99 -4.21
C THR A 216 -0.70 -4.44 -4.66
N LEU A 217 0.12 -5.15 -3.90
CA LEU A 217 0.17 -6.61 -3.98
C LEU A 217 -0.62 -7.16 -2.74
N ALA A 218 -1.83 -7.67 -2.98
CA ALA A 218 -2.71 -8.15 -1.90
C ALA A 218 -2.50 -9.65 -1.70
N LEU A 219 -2.41 -10.06 -0.46
CA LEU A 219 -2.19 -11.44 -0.09
C LEU A 219 -3.47 -11.94 0.61
N VAL A 220 -4.12 -12.88 -0.01
CA VAL A 220 -5.35 -13.43 0.50
C VAL A 220 -5.09 -14.33 1.67
N THR A 221 -5.62 -13.92 2.81
CA THR A 221 -5.34 -14.66 4.02
CA THR A 221 -5.37 -14.56 4.09
C THR A 221 -6.52 -15.51 4.45
N ASP A 222 -7.69 -15.22 3.91
CA ASP A 222 -8.82 -16.09 4.19
C ASP A 222 -10.06 -15.49 3.51
N PHE A 223 -11.15 -16.23 3.52
CA PHE A 223 -12.40 -15.66 3.09
C PHE A 223 -12.67 -14.69 4.22
N ASP A 224 -13.38 -13.63 3.89
CA ASP A 224 -13.92 -12.77 4.90
C ASP A 224 -14.88 -13.77 5.54
N CYS A 225 -15.56 -13.30 6.58
CA CYS A 225 -16.61 -14.01 7.35
C CYS A 225 -17.82 -14.57 6.57
N TRP A 226 -18.01 -14.19 5.30
CA TRP A 226 -19.11 -14.74 4.48
C TRP A 226 -19.00 -16.25 4.31
N HIS A 227 -18.00 -16.83 4.98
CA HIS A 227 -17.77 -18.28 5.09
C HIS A 227 -17.80 -18.79 6.52
N PRO A 228 -18.70 -19.76 6.82
CA PRO A 228 -18.79 -20.37 8.17
C PRO A 228 -17.54 -21.17 8.61
N ASN A 229 -16.48 -20.45 8.99
CA ASN A 229 -15.23 -21.03 9.52
C ASN A 229 -15.41 -21.83 10.83
N GLU A 230 -16.68 -22.03 11.20
CA GLU A 230 -17.08 -22.62 12.49
C GLU A 230 -16.30 -23.82 13.01
N GLN A 231 -16.09 -24.81 12.13
CA GLN A 231 -15.35 -26.04 12.46
C GLN A 231 -13.99 -25.73 13.10
N ALA A 232 -13.56 -26.59 14.03
CA ALA A 232 -12.31 -26.40 14.78
C ALA A 232 -11.05 -26.20 13.91
N VAL A 233 -11.24 -26.30 12.59
CA VAL A 233 -10.15 -26.24 11.58
C VAL A 233 -9.77 -24.88 10.94
N SER A 234 -9.79 -23.79 11.73
CA SER A 234 -9.68 -22.41 11.19
C SER A 234 -8.71 -21.43 11.90
N ALA A 235 -8.55 -21.57 13.22
CA ALA A 235 -7.90 -20.53 14.07
C ALA A 235 -6.41 -20.30 13.85
N ASP A 236 -5.60 -21.36 13.92
CA ASP A 236 -4.13 -21.27 13.88
C ASP A 236 -3.47 -21.42 12.51
N TYR A 237 -4.15 -22.09 11.58
CA TYR A 237 -3.70 -22.17 10.20
C TYR A 237 -3.60 -20.74 9.61
N ALA A 238 -4.49 -19.86 10.10
CA ALA A 238 -4.67 -18.48 9.63
C ALA A 238 -3.47 -17.53 9.80
N ILE A 239 -2.62 -17.80 10.80
CA ILE A 239 -1.35 -17.10 11.00
C ILE A 239 -0.23 -17.77 10.18
N GLN A 240 -0.35 -19.07 10.00
CA GLN A 240 0.64 -19.89 9.30
C GLN A 240 0.55 -19.63 7.79
N ASN A 241 -0.67 -19.41 7.32
CA ASN A 241 -0.86 -18.98 5.93
C ASN A 241 -0.51 -17.47 5.71
N LEU A 242 -0.73 -16.65 6.74
CA LEU A 242 -0.20 -15.27 6.75
C LEU A 242 1.38 -15.29 6.68
N MET A 243 1.99 -16.30 7.29
CA MET A 243 3.44 -16.37 7.25
C MET A 243 3.91 -16.93 5.91
N LYS A 244 3.16 -17.87 5.34
CA LYS A 244 3.51 -18.37 4.02
C LYS A 244 3.32 -17.30 2.92
N ASN A 245 2.21 -16.58 2.98
CA ASN A 245 1.94 -15.45 2.09
C ASN A 245 3.07 -14.45 2.11
N ALA A 246 3.46 -14.01 3.33
CA ALA A 246 4.56 -13.09 3.51
C ALA A 246 5.88 -13.60 2.83
N ASP A 247 6.25 -14.84 3.05
CA ASP A 247 7.44 -15.33 2.32
C ASP A 247 7.32 -15.42 0.77
N ASN A 248 6.18 -15.85 0.26
CA ASN A 248 5.87 -15.72 -1.18
C ASN A 248 5.96 -14.27 -1.65
N ALA A 249 5.39 -13.35 -0.86
CA ALA A 249 5.44 -11.92 -1.18
C ALA A 249 6.86 -11.43 -1.35
N GLN A 250 7.79 -11.81 -0.47
CA GLN A 250 9.19 -11.43 -0.62
C GLN A 250 9.79 -11.81 -1.99
N GLN A 251 9.47 -13.00 -2.49
CA GLN A 251 9.95 -13.42 -3.84
C GLN A 251 9.38 -12.55 -4.93
N VAL A 252 8.09 -12.20 -4.76
CA VAL A 252 7.45 -11.36 -5.73
C VAL A 252 8.05 -9.96 -5.76
N ILE A 253 8.23 -9.35 -4.59
CA ILE A 253 8.89 -8.05 -4.42
C ILE A 253 10.29 -8.07 -5.06
N LYS A 254 11.08 -9.10 -4.77
CA LYS A 254 12.43 -9.22 -5.43
C LYS A 254 12.32 -9.03 -6.95
N GLN A 255 11.42 -9.77 -7.57
CA GLN A 255 11.18 -9.68 -9.01
C GLN A 255 10.63 -8.34 -9.46
N ALA A 256 9.74 -7.73 -8.66
CA ALA A 256 9.12 -6.46 -9.00
C ALA A 256 10.10 -5.30 -8.91
N VAL A 257 10.96 -5.31 -7.89
CA VAL A 257 11.95 -4.26 -7.77
C VAL A 257 12.87 -4.30 -9.04
N ALA A 258 13.24 -5.51 -9.45
CA ALA A 258 14.07 -5.66 -10.64
C ALA A 258 13.41 -5.03 -11.86
N LEU A 259 12.13 -5.30 -12.08
CA LEU A 259 11.44 -4.79 -13.24
C LEU A 259 11.25 -3.28 -13.20
N ILE A 260 10.95 -2.74 -12.01
CA ILE A 260 10.74 -1.33 -11.91
C ILE A 260 12.07 -0.64 -12.21
N ALA A 261 13.16 -1.17 -11.64
CA ALA A 261 14.45 -0.55 -11.82
C ALA A 261 14.84 -0.53 -13.29
N SER A 262 14.54 -1.60 -14.02
CA SER A 262 15.05 -1.64 -15.42
C SER A 262 14.09 -0.91 -16.36
N GLU A 263 12.80 -0.90 -16.02
CA GLU A 263 11.79 -0.42 -16.96
C GLU A 263 11.42 1.03 -16.70
N GLN A 264 11.46 1.45 -15.42
CA GLN A 264 11.22 2.87 -15.08
C GLN A 264 9.96 3.45 -15.78
N PRO A 265 8.81 2.76 -15.68
CA PRO A 265 7.61 3.17 -16.41
C PRO A 265 7.18 4.57 -16.03
N LYS A 266 6.59 5.25 -17.01
CA LYS A 266 6.10 6.59 -16.80
C LYS A 266 4.78 6.37 -16.06
N SER A 267 4.51 7.19 -15.05
CA SER A 267 3.25 7.07 -14.35
C SER A 267 2.46 8.39 -14.43
N ILE A 268 1.16 8.29 -14.65
CA ILE A 268 0.32 9.47 -14.53
C ILE A 268 0.41 10.06 -13.11
N ALA A 269 0.77 9.26 -12.09
CA ALA A 269 0.88 9.80 -10.71
C ALA A 269 1.96 10.89 -10.62
N HIS A 270 2.94 10.80 -11.49
CA HIS A 270 4.10 11.64 -11.44
C HIS A 270 3.82 13.09 -11.66
N THR A 271 2.73 13.40 -12.34
CA THR A 271 2.31 14.76 -12.54
C THR A 271 0.93 15.02 -11.93
N ALA A 272 0.48 14.18 -10.97
CA ALA A 272 -0.90 14.30 -10.46
C ALA A 272 -1.20 15.65 -9.78
N LEU A 273 -0.21 16.26 -9.13
CA LEU A 273 -0.46 17.49 -8.44
C LEU A 273 -0.59 18.71 -9.30
N THR A 274 0.07 18.72 -10.46
CA THR A 274 0.16 19.93 -11.29
C THR A 274 -1.12 20.49 -11.89
N GLN A 275 -2.06 19.70 -12.41
CA GLN A 275 -3.38 20.33 -12.74
C GLN A 275 -4.49 20.21 -11.63
N ALA A 276 -4.15 19.55 -10.51
CA ALA A 276 -5.07 19.43 -9.39
C ALA A 276 -4.92 20.52 -8.35
N LEU A 277 -3.78 21.22 -8.30
CA LEU A 277 -3.54 22.20 -7.23
C LEU A 277 -4.35 23.44 -7.52
N VAL A 278 -5.18 23.88 -6.60
CA VAL A 278 -6.00 25.07 -6.88
C VAL A 278 -5.26 26.32 -6.36
N THR A 279 -4.66 26.22 -5.18
CA THR A 279 -4.01 27.36 -4.56
C THR A 279 -2.63 27.51 -5.18
N PRO A 280 -2.34 28.66 -5.84
CA PRO A 280 -0.97 28.90 -6.35
C PRO A 280 0.03 28.88 -5.20
N VAL A 281 1.21 28.30 -5.44
CA VAL A 281 2.24 28.25 -4.39
C VAL A 281 2.52 29.69 -3.84
N GLU A 282 2.47 30.71 -4.71
CA GLU A 282 2.75 32.10 -4.29
C GLU A 282 1.67 32.65 -3.39
N ALA A 283 0.49 32.03 -3.38
CA ALA A 283 -0.63 32.38 -2.51
C ALA A 283 -0.55 31.66 -1.16
N MET A 284 0.32 30.66 -0.96
CA MET A 284 0.31 29.94 0.34
C MET A 284 1.00 30.74 1.44
N SER A 285 0.60 30.56 2.69
CA SER A 285 1.37 31.13 3.79
C SER A 285 2.71 30.42 3.95
N ALA A 286 3.62 31.04 4.69
CA ALA A 286 4.97 30.43 4.99
C ALA A 286 4.75 29.08 5.68
N GLU A 287 3.76 29.06 6.57
CA GLU A 287 3.52 27.84 7.38
C GLU A 287 3.03 26.71 6.45
N THR A 288 2.13 27.07 5.53
CA THR A 288 1.57 26.07 4.59
C THR A 288 2.66 25.54 3.63
N LYS A 289 3.39 26.46 3.00
CA LYS A 289 4.46 26.03 2.08
C LYS A 289 5.44 25.10 2.77
N THR A 290 5.75 25.38 4.04
CA THR A 290 6.76 24.65 4.79
C THR A 290 6.20 23.26 5.05
N ARG A 291 4.93 23.18 5.46
CA ARG A 291 4.31 21.89 5.75
C ARG A 291 4.22 21.04 4.45
N LEU A 292 3.99 21.69 3.31
CA LEU A 292 3.81 20.92 2.09
C LEU A 292 5.03 20.80 1.23
N ALA A 293 6.17 21.27 1.77
CA ALA A 293 7.37 21.48 0.92
C ALA A 293 7.72 20.31 -0.01
N ALA A 294 7.87 19.11 0.56
CA ALA A 294 8.28 17.92 -0.26
C ALA A 294 7.28 17.53 -1.40
N LEU A 295 6.03 18.00 -1.33
CA LEU A 295 5.00 17.62 -2.30
C LEU A 295 4.93 18.61 -3.43
N LEU A 296 5.49 19.80 -3.22
CA LEU A 296 5.30 20.85 -4.17
C LEU A 296 6.44 20.86 -5.18
N PRO A 297 6.14 21.30 -6.40
CA PRO A 297 7.20 21.41 -7.37
C PRO A 297 8.19 22.48 -6.92
#